data_7DFS
#
_entry.id   7DFS
#
_cell.length_a   42.682
_cell.length_b   78.567
_cell.length_c   127.425
_cell.angle_alpha   90.000
_cell.angle_beta   90.000
_cell.angle_gamma   90.000
#
_symmetry.space_group_name_H-M   'P 21 21 21'
#
loop_
_entity.id
_entity.type
_entity.pdbx_description
1 polymer 4-O-alpha-L-rhamnosyl-beta-D-glucuronidase
2 branched 'alpha-L-rhamnopyranose-(1-4)-beta-D-glucopyranuronic acid'
3 branched 'alpha-L-rhamnopyranose-(1-4)-alpha-D-glucopyranuronic acid'
4 non-polymer 2-acetamido-2-deoxy-beta-D-glucopyranose
5 non-polymer alpha-D-mannopyranose
6 water water
#
_entity_poly.entity_id   1
_entity_poly.type   'polypeptide(L)'
_entity_poly.pdbx_seq_one_letter_code
;EFLTFNVPSSPPSNSSAQLSDAPVGVSFEFFAFPGYWNDVPSTSTCLQNLKDLSGTWPPIRIGGTTQDRATYDASSSQQV
TYTVANAGDAPSTLTFGPSFMSLAGTYAGQVTIGFNRRLNNLANTVAAASKAVNEINSLHAIELGNEPNFFSGSDPIAQG
SSWTASADYASEVTWQDAVCGNLSASNLISAGVFFGTSPMSIAGLTAVEGQANSYVRQYCSHNYPQSKSTANLANLMSHS
GIASQIKPFAKEVAAALAKNKPHVFGETNSATQGGGGISPTYGAGLWLLDYVMQALIMGTETLYFHHGTIGNCQYCWWGK
YSMGSPYFGAYFATMALAGANKIAPLDDQTTGYAAYAIYKDDKPIRVLLYNSDYYTSGSRPSQTFTLTGLSGSTVSAKRL
TAAASTSRVDAGQSPTVAGQTFENGSCKIQGQSTVESATVSGGKATFTLQASEALLVTLENKLISEEDLQSAVDHHHHHH
;
_entity_poly.pdbx_strand_id   A
#
loop_
_chem_comp.id
_chem_comp.type
_chem_comp.name
_chem_comp.formula
BDP D-saccharide, beta linking 'beta-D-glucopyranuronic acid' 'C6 H10 O7'
GCU D-saccharide, alpha linking 'alpha-D-glucopyranuronic acid' 'C6 H10 O7'
MAN D-saccharide, alpha linking alpha-D-mannopyranose 'C6 H12 O6'
NAG D-saccharide, beta linking 2-acetamido-2-deoxy-beta-D-glucopyranose 'C8 H15 N O6'
RAM L-saccharide, alpha linking alpha-L-rhamnopyranose 'C6 H12 O5'
#
# COMPACT_ATOMS: atom_id res chain seq x y z
N LEU A 3 28.03 -8.29 10.53
CA LEU A 3 27.28 -7.98 9.27
C LEU A 3 27.94 -6.81 8.55
N THR A 4 28.31 -7.00 7.30
CA THR A 4 29.03 -5.98 6.51
C THR A 4 28.44 -5.95 5.11
N PHE A 5 28.13 -4.77 4.64
CA PHE A 5 27.50 -4.59 3.30
C PHE A 5 28.28 -3.52 2.55
N ASN A 6 28.70 -3.85 1.33
CA ASN A 6 29.32 -2.88 0.42
C ASN A 6 28.20 -2.07 -0.24
N VAL A 7 28.37 -0.76 -0.31
CA VAL A 7 27.39 0.16 -0.95
C VAL A 7 27.91 0.46 -2.35
N PRO A 8 27.38 -0.16 -3.43
CA PRO A 8 27.94 0.07 -4.75
C PRO A 8 27.72 1.49 -5.30
N SER A 9 28.66 1.94 -6.13
CA SER A 9 28.68 3.35 -6.58
C SER A 9 27.63 3.61 -7.66
N SER A 10 27.08 2.55 -8.25
CA SER A 10 25.96 2.67 -9.19
C SER A 10 25.02 1.51 -8.90
N PRO A 11 23.77 1.58 -9.41
CA PRO A 11 22.78 0.54 -9.09
C PRO A 11 23.22 -0.85 -9.48
N PRO A 12 23.19 -1.79 -8.52
CA PRO A 12 23.44 -3.20 -8.76
C PRO A 12 22.45 -3.81 -9.75
N SER A 13 22.80 -4.97 -10.30
CA SER A 13 21.94 -5.65 -11.28
C SER A 13 20.63 -6.11 -10.61
N ASN A 14 20.61 -6.38 -9.29
CA ASN A 14 19.33 -6.80 -8.64
C ASN A 14 18.58 -5.58 -8.07
N SER A 15 18.90 -4.38 -8.53
CA SER A 15 18.11 -3.16 -8.21
C SER A 15 16.68 -3.30 -8.68
N SER A 16 15.80 -2.50 -8.06
CA SER A 16 14.47 -2.18 -8.62
C SER A 16 14.65 -1.55 -10.01
N ALA A 17 13.55 -1.52 -10.73
CA ALA A 17 13.39 -0.60 -11.86
C ALA A 17 13.26 0.83 -11.35
N GLN A 18 13.29 1.78 -12.26
CA GLN A 18 12.99 3.18 -11.91
C GLN A 18 11.68 3.25 -11.10
N LEU A 19 11.74 3.93 -9.97
CA LEU A 19 10.60 4.02 -9.04
C LEU A 19 9.65 5.13 -9.46
N SER A 20 8.40 4.94 -9.06
CA SER A 20 7.35 5.97 -9.07
C SER A 20 7.76 7.12 -8.15
N ASP A 21 7.18 8.30 -8.36
CA ASP A 21 7.41 9.50 -7.53
CA ASP A 21 7.50 9.46 -7.50
C ASP A 21 6.92 9.27 -6.09
N ALA A 22 5.90 8.45 -5.90
CA ALA A 22 5.33 8.20 -4.55
C ALA A 22 4.79 6.78 -4.52
N PRO A 23 5.68 5.79 -4.25
CA PRO A 23 5.25 4.39 -4.26
C PRO A 23 4.27 4.01 -3.14
N VAL A 24 4.24 4.75 -2.06
CA VAL A 24 3.43 4.42 -0.86
C VAL A 24 2.11 5.18 -0.92
N GLY A 25 1.04 4.46 -1.20
CA GLY A 25 -0.32 5.01 -1.29
C GLY A 25 -1.28 4.43 -0.29
N VAL A 26 -2.52 4.86 -0.43
CA VAL A 26 -3.53 4.60 0.60
C VAL A 26 -4.78 4.15 -0.13
N SER A 27 -5.42 3.10 0.37
CA SER A 27 -6.71 2.60 -0.08
C SER A 27 -7.75 2.90 0.97
N PHE A 28 -8.92 3.40 0.57
CA PHE A 28 -10.02 3.74 1.51
C PHE A 28 -11.24 2.90 1.18
N GLU A 29 -11.76 2.19 2.17
CA GLU A 29 -12.95 1.37 1.92
C GLU A 29 -14.04 2.24 1.31
N PHE A 30 -14.66 1.77 0.25
CA PHE A 30 -15.51 2.56 -0.66
C PHE A 30 -16.55 3.33 0.15
N PHE A 31 -17.34 2.65 0.98
CA PHE A 31 -18.49 3.37 1.66
C PHE A 31 -17.97 4.44 2.61
N ALA A 32 -16.75 4.28 3.15
CA ALA A 32 -16.16 5.13 4.20
C ALA A 32 -15.39 6.29 3.62
N PHE A 33 -15.15 6.31 2.31
CA PHE A 33 -14.29 7.36 1.73
C PHE A 33 -14.82 8.76 2.08
N PRO A 34 -16.13 9.07 1.97
CA PRO A 34 -16.58 10.44 2.30
C PRO A 34 -16.33 10.74 3.77
N GLY A 35 -16.53 9.73 4.63
CA GLY A 35 -16.27 9.91 6.07
C GLY A 35 -14.82 10.26 6.31
N TYR A 36 -13.88 9.61 5.60
CA TYR A 36 -12.45 9.90 5.74
C TYR A 36 -12.17 11.37 5.39
N TRP A 37 -12.83 11.87 4.38
CA TRP A 37 -12.60 13.25 3.90
C TRP A 37 -13.34 14.25 4.76
N ASN A 38 -14.55 13.93 5.21
CA ASN A 38 -15.44 14.92 5.85
C ASN A 38 -15.34 14.85 7.36
N ASP A 39 -15.08 13.69 7.96
CA ASP A 39 -15.34 13.47 9.41
C ASP A 39 -14.04 13.16 10.16
N VAL A 40 -12.92 13.02 9.48
CA VAL A 40 -11.65 12.54 10.11
C VAL A 40 -10.58 13.60 9.88
N PRO A 41 -10.34 14.51 10.85
CA PRO A 41 -9.46 15.64 10.64
C PRO A 41 -8.04 15.22 10.26
N SER A 42 -7.60 14.04 10.70
CA SER A 42 -6.22 13.58 10.48
C SER A 42 -5.98 13.19 9.03
N THR A 43 -7.04 12.92 8.25
CA THR A 43 -6.83 12.47 6.87
C THR A 43 -5.95 13.46 6.10
N SER A 44 -6.39 14.72 6.06
CA SER A 44 -5.72 15.75 5.26
C SER A 44 -4.25 15.87 5.69
N THR A 45 -3.99 15.99 6.99
CA THR A 45 -2.62 16.26 7.47
C THR A 45 -1.73 15.03 7.29
N CYS A 46 -2.27 13.83 7.54
CA CYS A 46 -1.48 12.60 7.40
C CYS A 46 -1.03 12.47 5.94
N LEU A 47 -1.91 12.83 4.98
CA LEU A 47 -1.51 12.74 3.55
C LEU A 47 -0.53 13.88 3.21
N GLN A 48 -0.81 15.08 3.69
CA GLN A 48 0.07 16.25 3.46
C GLN A 48 1.46 15.96 4.01
N ASN A 49 1.56 15.32 5.19
CA ASN A 49 2.88 15.00 5.80
C ASN A 49 3.71 14.14 4.85
N LEU A 50 3.06 13.18 4.15
CA LEU A 50 3.80 12.33 3.20
C LEU A 50 4.19 13.11 1.93
N LYS A 51 3.29 13.91 1.42
CA LYS A 51 3.58 14.77 0.25
C LYS A 51 4.76 15.68 0.59
N ASP A 52 4.80 16.20 1.81
CA ASP A 52 5.90 17.09 2.22
C ASP A 52 7.24 16.37 2.14
N LEU A 53 7.29 15.05 2.40
CA LEU A 53 8.54 14.30 2.23
C LEU A 53 8.92 14.06 0.77
N SER A 54 7.98 13.59 -0.03
CA SER A 54 8.30 13.07 -1.38
C SER A 54 8.19 14.14 -2.46
N GLY A 55 7.36 15.14 -2.22
CA GLY A 55 6.98 16.16 -3.21
C GLY A 55 5.77 15.76 -4.02
N THR A 56 5.20 14.56 -3.79
CA THR A 56 4.07 14.02 -4.59
C THR A 56 2.97 13.62 -3.62
N TRP A 57 1.71 13.92 -3.89
CA TRP A 57 0.58 13.42 -3.08
C TRP A 57 0.61 11.90 -3.14
N PRO A 58 0.48 11.22 -1.99
CA PRO A 58 0.36 9.77 -2.07
C PRO A 58 -0.80 9.45 -3.00
N PRO A 59 -0.64 8.47 -3.92
CA PRO A 59 -1.75 8.00 -4.70
C PRO A 59 -2.78 7.33 -3.80
N ILE A 60 -4.02 7.45 -4.18
CA ILE A 60 -5.13 6.88 -3.38
C ILE A 60 -5.97 5.98 -4.28
N ARG A 61 -6.65 5.06 -3.62
CA ARG A 61 -7.60 4.13 -4.22
C ARG A 61 -8.82 4.06 -3.30
N ILE A 62 -10.01 4.01 -3.90
CA ILE A 62 -11.29 4.01 -3.19
C ILE A 62 -12.03 2.76 -3.62
N GLY A 63 -12.12 1.78 -2.74
CA GLY A 63 -12.65 0.49 -3.15
C GLY A 63 -12.67 -0.46 -1.97
N GLY A 64 -12.93 -1.73 -2.26
CA GLY A 64 -13.04 -2.78 -1.23
C GLY A 64 -14.35 -3.54 -1.43
N THR A 65 -14.63 -4.47 -0.53
CA THR A 65 -15.85 -5.30 -0.63
C THR A 65 -17.07 -4.42 -0.85
N THR A 66 -17.17 -3.29 -0.15
CA THR A 66 -18.38 -2.44 -0.27
C THR A 66 -18.55 -1.84 -1.68
N GLN A 67 -17.50 -1.76 -2.51
CA GLN A 67 -17.67 -1.23 -3.89
C GLN A 67 -18.63 -2.19 -4.64
N ASP A 68 -18.62 -3.49 -4.27
CA ASP A 68 -19.55 -4.47 -4.89
C ASP A 68 -20.86 -4.58 -4.08
N ARG A 69 -21.13 -3.66 -3.17
CA ARG A 69 -22.44 -3.57 -2.49
C ARG A 69 -23.13 -2.27 -2.89
N ALA A 70 -22.51 -1.52 -3.82
CA ALA A 70 -22.88 -0.11 -4.06
C ALA A 70 -23.47 0.06 -5.46
N THR A 71 -24.48 0.92 -5.57
CA THR A 71 -25.08 1.29 -6.87
C THR A 71 -24.98 2.80 -7.06
N TYR A 72 -24.60 3.23 -8.26
CA TYR A 72 -24.56 4.65 -8.61
C TYR A 72 -26.00 5.18 -8.75
N ASP A 73 -26.27 6.30 -8.10
CA ASP A 73 -27.57 7.01 -8.15
C ASP A 73 -27.28 8.40 -8.73
N ALA A 74 -27.46 8.56 -10.05
CA ALA A 74 -27.15 9.80 -10.78
C ALA A 74 -27.98 10.95 -10.26
N SER A 75 -29.14 10.70 -9.64
CA SER A 75 -29.98 11.83 -9.16
C SER A 75 -29.83 12.05 -7.64
N SER A 76 -28.89 11.38 -6.95
CA SER A 76 -28.61 11.59 -5.50
C SER A 76 -27.73 12.82 -5.31
N SER A 77 -28.13 13.76 -4.44
CA SER A 77 -27.30 14.92 -4.05
C SER A 77 -26.42 14.55 -2.86
N GLN A 78 -26.50 13.32 -2.35
CA GLN A 78 -25.65 12.80 -1.27
C GLN A 78 -24.40 12.16 -1.91
N GLN A 79 -23.25 12.25 -1.26
CA GLN A 79 -22.06 11.48 -1.70
C GLN A 79 -22.32 9.99 -1.53
N VAL A 80 -22.81 9.58 -0.36
CA VAL A 80 -23.01 8.16 -0.07
C VAL A 80 -24.25 8.08 0.81
N THR A 81 -25.10 7.09 0.55
CA THR A 81 -26.35 6.88 1.32
C THR A 81 -26.39 5.42 1.76
N TYR A 82 -26.51 5.19 3.05
CA TYR A 82 -26.60 3.82 3.60
C TYR A 82 -27.11 3.86 5.03
N THR A 83 -27.55 2.71 5.53
CA THR A 83 -27.91 2.53 6.96
C THR A 83 -27.06 1.40 7.52
N VAL A 84 -26.62 1.59 8.75
CA VAL A 84 -26.05 0.51 9.59
C VAL A 84 -26.75 0.56 10.97
N ALA A 85 -26.78 -0.57 11.67
CA ALA A 85 -27.24 -0.66 13.08
C ALA A 85 -26.23 -0.01 14.04
N ASN A 86 -24.91 -0.17 13.83
CA ASN A 86 -23.82 0.47 14.65
C ASN A 86 -22.78 1.15 13.74
N ALA A 87 -22.12 2.22 14.19
CA ALA A 87 -21.13 2.97 13.37
C ALA A 87 -19.97 2.02 13.05
N GLY A 88 -19.84 0.94 13.82
CA GLY A 88 -18.77 -0.08 13.69
C GLY A 88 -19.03 -1.05 12.54
N ASP A 89 -20.24 -1.10 11.99
CA ASP A 89 -20.59 -2.09 10.94
C ASP A 89 -20.30 -1.47 9.57
N ALA A 90 -20.11 -2.30 8.57
CA ALA A 90 -20.14 -1.83 7.17
C ALA A 90 -21.53 -2.10 6.64
N PRO A 91 -22.07 -1.22 5.78
CA PRO A 91 -23.42 -1.45 5.23
C PRO A 91 -23.49 -2.67 4.30
N SER A 92 -24.64 -3.35 4.24
CA SER A 92 -24.86 -4.48 3.33
C SER A 92 -25.15 -3.98 1.91
N THR A 93 -25.67 -2.76 1.79
CA THR A 93 -25.99 -2.12 0.50
C THR A 93 -25.79 -0.61 0.68
N LEU A 94 -25.52 0.11 -0.40
CA LEU A 94 -25.43 1.58 -0.38
C LEU A 94 -25.61 2.12 -1.79
N THR A 95 -25.92 3.40 -1.88
CA THR A 95 -25.82 4.15 -3.13
C THR A 95 -24.78 5.27 -2.94
N PHE A 96 -24.29 5.77 -4.07
CA PHE A 96 -23.38 6.95 -4.11
C PHE A 96 -23.88 7.85 -5.23
N GLY A 97 -23.87 9.15 -4.97
CA GLY A 97 -24.20 10.15 -5.99
C GLY A 97 -22.98 10.53 -6.82
N PRO A 98 -23.19 11.36 -7.86
CA PRO A 98 -22.07 11.91 -8.61
C PRO A 98 -21.10 12.69 -7.72
N SER A 99 -21.56 13.29 -6.64
CA SER A 99 -20.70 14.10 -5.71
C SER A 99 -19.68 13.17 -5.03
N PHE A 100 -19.89 11.86 -5.01
CA PHE A 100 -18.85 10.95 -4.49
C PHE A 100 -17.59 11.07 -5.35
N MET A 101 -17.77 11.00 -6.69
CA MET A 101 -16.64 11.15 -7.63
C MET A 101 -16.10 12.60 -7.53
N SER A 102 -16.98 13.59 -7.40
CA SER A 102 -16.51 14.99 -7.31
C SER A 102 -15.57 15.11 -6.10
N LEU A 103 -15.96 14.51 -4.96
CA LEU A 103 -15.13 14.57 -3.74
C LEU A 103 -13.75 13.94 -4.02
N ALA A 104 -13.72 12.77 -4.67
CA ALA A 104 -12.46 12.13 -5.06
C ALA A 104 -11.68 13.08 -6.00
N GLY A 105 -12.41 13.86 -6.80
CA GLY A 105 -11.81 14.78 -7.77
C GLY A 105 -11.19 16.01 -7.10
N THR A 106 -11.41 16.21 -5.82
CA THR A 106 -10.74 17.29 -5.08
C THR A 106 -9.31 16.90 -4.73
N TYR A 107 -8.95 15.64 -4.84
CA TYR A 107 -7.60 15.18 -4.49
C TYR A 107 -6.63 15.45 -5.63
N ALA A 108 -5.44 16.00 -5.33
CA ALA A 108 -4.47 16.35 -6.37
C ALA A 108 -3.63 15.14 -6.79
N GLY A 109 -3.48 14.14 -5.94
CA GLY A 109 -2.71 12.93 -6.25
C GLY A 109 -3.50 12.02 -7.15
N GLN A 110 -2.85 10.99 -7.67
CA GLN A 110 -3.51 10.04 -8.59
C GLN A 110 -4.63 9.31 -7.84
N VAL A 111 -5.77 9.16 -8.50
CA VAL A 111 -6.96 8.55 -7.86
C VAL A 111 -7.39 7.32 -8.64
N THR A 112 -7.51 6.17 -7.95
CA THR A 112 -8.16 4.98 -8.51
C THR A 112 -9.50 4.78 -7.82
N ILE A 113 -10.52 4.51 -8.59
CA ILE A 113 -11.86 4.30 -8.02
C ILE A 113 -12.37 2.95 -8.45
N GLY A 114 -12.97 2.22 -7.51
CA GLY A 114 -13.50 0.89 -7.80
C GLY A 114 -15.01 0.88 -7.89
N PHE A 115 -15.55 0.29 -8.96
CA PHE A 115 -17.01 0.19 -9.12
C PHE A 115 -17.43 -1.27 -9.11
N ASN A 116 -18.74 -1.44 -9.18
CA ASN A 116 -19.43 -2.71 -8.86
C ASN A 116 -19.48 -3.59 -10.09
N ARG A 117 -18.94 -4.79 -10.01
CA ARG A 117 -19.22 -5.82 -11.03
C ARG A 117 -20.05 -6.98 -10.44
N ARG A 118 -19.96 -7.25 -9.16
CA ARG A 118 -20.65 -8.44 -8.57
C ARG A 118 -22.15 -8.39 -8.88
N LEU A 119 -22.79 -7.22 -8.83
CA LEU A 119 -24.27 -7.15 -9.03
C LEU A 119 -24.67 -7.14 -10.52
N ASN A 120 -23.73 -7.22 -11.45
CA ASN A 120 -24.01 -7.34 -12.90
C ASN A 120 -24.93 -6.20 -13.36
N ASN A 121 -24.67 -4.98 -12.93
CA ASN A 121 -25.41 -3.77 -13.33
C ASN A 121 -24.48 -3.03 -14.29
N LEU A 122 -24.24 -3.60 -15.46
CA LEU A 122 -23.20 -3.07 -16.38
C LEU A 122 -23.52 -1.63 -16.80
N ALA A 123 -24.76 -1.29 -17.15
CA ALA A 123 -25.10 0.09 -17.56
C ALA A 123 -24.85 1.08 -16.40
N ASN A 124 -25.16 0.66 -15.20
CA ASN A 124 -24.95 1.53 -14.02
C ASN A 124 -23.45 1.77 -13.84
N THR A 125 -22.63 0.72 -13.86
CA THR A 125 -21.17 0.89 -13.73
C THR A 125 -20.58 1.73 -14.89
N VAL A 126 -21.05 1.55 -16.14
CA VAL A 126 -20.58 2.42 -17.25
C VAL A 126 -20.90 3.88 -16.89
N ALA A 127 -22.12 4.16 -16.41
CA ALA A 127 -22.54 5.54 -16.07
C ALA A 127 -21.64 6.11 -14.92
N ALA A 128 -21.32 5.30 -13.93
CA ALA A 128 -20.43 5.72 -12.83
C ALA A 128 -19.03 6.02 -13.37
N ALA A 129 -18.50 5.19 -14.26
CA ALA A 129 -17.17 5.36 -14.92
C ALA A 129 -17.15 6.66 -15.72
N SER A 130 -18.21 6.93 -16.48
CA SER A 130 -18.29 8.18 -17.26
C SER A 130 -18.22 9.37 -16.31
N LYS A 131 -18.97 9.32 -15.19
CA LYS A 131 -18.98 10.42 -14.22
C LYS A 131 -17.58 10.58 -13.60
N ALA A 132 -16.91 9.48 -13.28
CA ALA A 132 -15.55 9.51 -12.71
C ALA A 132 -14.62 10.26 -13.66
N VAL A 133 -14.65 9.94 -14.97
CA VAL A 133 -13.76 10.59 -15.95
C VAL A 133 -14.08 12.10 -15.97
N ASN A 134 -15.37 12.46 -15.89
CA ASN A 134 -15.80 13.87 -15.96
C ASN A 134 -15.34 14.64 -14.71
N GLU A 135 -15.39 14.01 -13.53
CA GLU A 135 -15.24 14.70 -12.23
C GLU A 135 -13.83 14.63 -11.65
N ILE A 136 -13.02 13.62 -12.00
CA ILE A 136 -11.72 13.36 -11.33
C ILE A 136 -10.56 13.64 -12.32
N ASN A 137 -10.01 14.85 -12.26
CA ASN A 137 -8.96 15.30 -13.20
C ASN A 137 -7.73 14.38 -13.08
N SER A 138 -7.45 13.92 -11.85
CA SER A 138 -6.26 13.08 -11.56
C SER A 138 -6.63 11.59 -11.56
N LEU A 139 -7.68 11.24 -12.29
CA LEU A 139 -8.11 9.83 -12.37
C LEU A 139 -6.97 9.00 -12.95
N HIS A 140 -6.58 7.93 -12.27
CA HIS A 140 -5.51 7.03 -12.69
C HIS A 140 -6.10 5.79 -13.35
N ALA A 141 -7.11 5.21 -12.71
CA ALA A 141 -7.67 3.92 -13.15
C ALA A 141 -9.00 3.69 -12.49
N ILE A 142 -9.77 2.83 -13.13
CA ILE A 142 -11.10 2.40 -12.62
C ILE A 142 -11.07 0.89 -12.50
N GLU A 143 -11.44 0.35 -11.33
CA GLU A 143 -11.64 -1.10 -11.15
C GLU A 143 -13.10 -1.45 -11.50
N LEU A 144 -13.25 -2.63 -12.07
CA LEU A 144 -14.59 -3.22 -12.35
C LEU A 144 -14.65 -4.48 -11.48
N GLY A 145 -15.14 -4.30 -10.27
CA GLY A 145 -15.21 -5.38 -9.29
C GLY A 145 -13.94 -5.48 -8.45
N ASN A 146 -14.17 -5.79 -7.20
CA ASN A 146 -13.14 -6.01 -6.15
C ASN A 146 -13.05 -7.50 -5.83
N GLU A 147 -11.86 -8.09 -5.86
CA GLU A 147 -11.67 -9.50 -5.39
C GLU A 147 -12.72 -10.41 -6.00
N PRO A 148 -12.80 -10.48 -7.33
CA PRO A 148 -13.81 -11.34 -7.96
C PRO A 148 -13.58 -12.83 -7.70
N ASN A 149 -12.40 -13.18 -7.22
CA ASN A 149 -12.10 -14.55 -6.73
C ASN A 149 -13.02 -14.94 -5.58
N PHE A 150 -13.65 -13.99 -4.89
CA PHE A 150 -14.58 -14.34 -3.79
C PHE A 150 -16.03 -14.31 -4.25
N PHE A 151 -16.33 -13.91 -5.48
CA PHE A 151 -17.71 -13.98 -5.99
C PHE A 151 -18.11 -15.46 -6.03
N SER A 152 -19.40 -15.74 -5.98
CA SER A 152 -19.89 -17.15 -6.06
C SER A 152 -20.92 -17.32 -7.19
N GLY A 153 -21.34 -18.56 -7.42
CA GLY A 153 -22.45 -18.85 -8.35
C GLY A 153 -23.75 -18.17 -7.94
N SER A 154 -23.90 -17.80 -6.67
CA SER A 154 -25.07 -17.08 -6.11
C SER A 154 -25.10 -15.61 -6.56
N ASP A 155 -23.98 -15.03 -7.00
CA ASP A 155 -23.92 -13.58 -7.31
C ASP A 155 -24.49 -13.33 -8.70
N PRO A 156 -25.14 -12.17 -8.91
CA PRO A 156 -25.70 -11.86 -10.22
C PRO A 156 -24.68 -12.03 -11.36
N ILE A 157 -23.40 -11.62 -11.17
CA ILE A 157 -22.37 -11.65 -12.24
C ILE A 157 -22.17 -13.11 -12.75
N ALA A 158 -22.41 -14.12 -11.92
CA ALA A 158 -22.16 -15.53 -12.33
C ALA A 158 -23.26 -16.00 -13.32
N GLN A 159 -24.39 -15.31 -13.35
CA GLN A 159 -25.48 -15.54 -14.35
C GLN A 159 -25.94 -17.00 -14.30
N GLY A 160 -26.11 -17.53 -13.09
CA GLY A 160 -26.61 -18.90 -12.85
C GLY A 160 -25.63 -20.00 -13.24
N SER A 161 -24.40 -19.68 -13.63
CA SER A 161 -23.35 -20.70 -13.91
C SER A 161 -22.24 -20.62 -12.85
N SER A 162 -21.38 -21.62 -12.80
CA SER A 162 -20.30 -21.67 -11.79
C SER A 162 -19.36 -20.48 -12.04
N TRP A 163 -18.93 -19.87 -10.97
CA TRP A 163 -17.98 -18.74 -11.07
C TRP A 163 -16.56 -19.28 -10.94
N THR A 164 -15.90 -19.49 -12.05
CA THR A 164 -14.55 -20.05 -12.18
C THR A 164 -13.59 -18.93 -12.61
N ALA A 165 -12.28 -19.19 -12.57
CA ALA A 165 -11.27 -18.25 -13.09
C ALA A 165 -11.60 -17.88 -14.53
N SER A 166 -11.88 -18.87 -15.40
CA SER A 166 -12.22 -18.56 -16.81
C SER A 166 -13.46 -17.69 -16.90
N ALA A 167 -14.47 -17.91 -16.08
CA ALA A 167 -15.69 -17.08 -16.07
C ALA A 167 -15.31 -15.64 -15.74
N ASP A 168 -14.46 -15.44 -14.73
CA ASP A 168 -14.09 -14.06 -14.37
C ASP A 168 -13.31 -13.40 -15.51
N TYR A 169 -12.34 -14.10 -16.12
CA TYR A 169 -11.46 -13.49 -17.13
C TYR A 169 -12.33 -13.03 -18.29
N ALA A 170 -13.27 -13.89 -18.72
CA ALA A 170 -14.19 -13.56 -19.80
C ALA A 170 -15.05 -12.36 -19.42
N SER A 171 -15.54 -12.32 -18.20
CA SER A 171 -16.35 -11.21 -17.65
C SER A 171 -15.52 -9.91 -17.71
N GLU A 172 -14.29 -9.94 -17.20
CA GLU A 172 -13.43 -8.74 -17.20
C GLU A 172 -13.24 -8.18 -18.61
N VAL A 173 -12.95 -9.02 -19.60
CA VAL A 173 -12.76 -8.54 -21.01
C VAL A 173 -14.06 -7.90 -21.49
N THR A 174 -15.20 -8.54 -21.26
CA THR A 174 -16.51 -8.00 -21.70
C THR A 174 -16.76 -6.63 -21.06
N TRP A 175 -16.48 -6.51 -19.76
CA TRP A 175 -16.73 -5.27 -19.00
C TRP A 175 -15.72 -4.17 -19.38
N GLN A 176 -14.48 -4.54 -19.62
CA GLN A 176 -13.43 -3.60 -20.10
C GLN A 176 -13.87 -3.04 -21.46
N ASP A 177 -14.33 -3.92 -22.34
CA ASP A 177 -14.75 -3.56 -23.73
C ASP A 177 -15.93 -2.58 -23.60
N ALA A 178 -16.93 -2.88 -22.78
CA ALA A 178 -18.18 -2.09 -22.69
C ALA A 178 -17.84 -0.74 -22.08
N VAL A 179 -17.04 -0.75 -21.02
CA VAL A 179 -16.72 0.53 -20.36
C VAL A 179 -15.87 1.40 -21.26
N CYS A 180 -14.79 0.88 -21.80
CA CYS A 180 -13.90 1.73 -22.64
C CYS A 180 -14.61 2.11 -23.95
N GLY A 181 -15.43 1.20 -24.47
CA GLY A 181 -16.17 1.47 -25.71
C GLY A 181 -17.14 2.62 -25.49
N ASN A 182 -17.83 2.64 -24.36
CA ASN A 182 -18.81 3.71 -24.07
C ASN A 182 -18.13 5.05 -23.83
N LEU A 183 -16.98 5.04 -23.15
CA LEU A 183 -16.22 6.25 -22.80
C LEU A 183 -15.27 6.66 -23.93
N SER A 184 -15.17 5.90 -25.05
CA SER A 184 -14.13 6.15 -26.08
C SER A 184 -12.78 6.33 -25.39
N ALA A 185 -12.46 5.43 -24.47
CA ALA A 185 -11.20 5.54 -23.69
C ALA A 185 -10.37 4.28 -23.90
N SER A 186 -9.14 4.35 -23.43
CA SER A 186 -8.24 3.20 -23.34
C SER A 186 -7.31 3.40 -22.14
N ASN A 187 -6.53 2.39 -21.81
CA ASN A 187 -5.49 2.52 -20.77
C ASN A 187 -6.14 2.98 -19.46
N LEU A 188 -7.30 2.42 -19.10
CA LEU A 188 -8.13 2.98 -18.02
C LEU A 188 -8.40 1.98 -16.89
N ILE A 189 -8.51 0.70 -17.18
CA ILE A 189 -9.04 -0.25 -16.17
C ILE A 189 -7.92 -0.78 -15.30
N SER A 190 -8.20 -0.84 -13.98
CA SER A 190 -7.33 -1.57 -13.03
C SER A 190 -7.85 -3.02 -12.98
N ALA A 191 -7.19 -3.91 -13.69
CA ALA A 191 -7.72 -5.25 -14.00
C ALA A 191 -7.35 -6.27 -12.93
N GLY A 192 -8.19 -7.30 -12.79
CA GLY A 192 -7.93 -8.41 -11.87
C GLY A 192 -8.48 -8.09 -10.51
N VAL A 193 -7.68 -7.37 -9.70
CA VAL A 193 -8.09 -6.94 -8.34
C VAL A 193 -8.26 -8.22 -7.49
N PHE A 194 -7.41 -9.21 -7.67
CA PHE A 194 -7.56 -10.54 -7.04
C PHE A 194 -6.96 -10.55 -5.63
N PHE A 195 -7.64 -11.19 -4.72
CA PHE A 195 -7.02 -11.55 -3.42
C PHE A 195 -6.08 -12.72 -3.63
N GLY A 196 -4.80 -12.50 -3.43
CA GLY A 196 -3.77 -13.52 -3.62
C GLY A 196 -3.65 -13.93 -5.08
N THR A 197 -3.30 -15.19 -5.33
CA THR A 197 -2.90 -15.65 -6.68
C THR A 197 -3.62 -16.93 -7.08
N SER A 198 -4.60 -17.38 -6.30
CA SER A 198 -5.39 -18.58 -6.59
C SER A 198 -6.72 -18.42 -5.87
N PRO A 199 -7.87 -18.79 -6.48
CA PRO A 199 -7.93 -19.48 -7.78
C PRO A 199 -7.85 -18.59 -9.03
N MET A 200 -7.77 -17.27 -8.86
CA MET A 200 -7.68 -16.30 -9.99
CA MET A 200 -7.64 -16.37 -10.01
C MET A 200 -6.29 -15.66 -9.94
N SER A 201 -5.71 -15.38 -11.09
CA SER A 201 -4.35 -14.78 -11.15
C SER A 201 -4.27 -13.76 -12.27
N ILE A 202 -3.44 -12.74 -12.09
CA ILE A 202 -2.99 -11.86 -13.20
C ILE A 202 -2.33 -12.74 -14.30
N ALA A 203 -1.54 -13.75 -13.94
CA ALA A 203 -0.95 -14.66 -14.95
C ALA A 203 -2.08 -15.25 -15.80
N GLY A 204 -3.15 -15.73 -15.19
CA GLY A 204 -4.28 -16.30 -15.96
C GLY A 204 -5.05 -15.26 -16.76
N LEU A 205 -5.33 -14.09 -16.18
CA LEU A 205 -6.14 -13.05 -16.83
C LEU A 205 -5.37 -12.52 -18.05
N THR A 206 -4.07 -12.20 -17.90
CA THR A 206 -3.28 -11.59 -19.00
C THR A 206 -3.27 -12.57 -20.19
N ALA A 207 -3.33 -13.86 -19.95
CA ALA A 207 -3.28 -14.87 -21.06
C ALA A 207 -4.52 -14.77 -21.93
N VAL A 208 -5.64 -14.29 -21.38
CA VAL A 208 -6.99 -14.20 -22.03
C VAL A 208 -7.23 -12.78 -22.54
N GLU A 209 -6.58 -11.75 -22.00
CA GLU A 209 -6.95 -10.34 -22.32
C GLU A 209 -6.87 -10.07 -23.83
N GLY A 210 -5.85 -10.59 -24.50
CA GLY A 210 -5.62 -10.25 -25.93
C GLY A 210 -5.75 -8.75 -26.16
N GLN A 211 -6.55 -8.31 -27.12
CA GLN A 211 -6.52 -6.89 -27.54
C GLN A 211 -7.17 -6.00 -26.47
N ALA A 212 -7.91 -6.57 -25.50
CA ALA A 212 -8.50 -5.80 -24.39
C ALA A 212 -7.40 -5.34 -23.44
N ASN A 213 -6.17 -5.86 -23.56
CA ASN A 213 -5.02 -5.28 -22.82
C ASN A 213 -4.97 -3.78 -23.07
N SER A 214 -5.37 -3.31 -24.25
CA SER A 214 -5.28 -1.85 -24.57
C SER A 214 -6.19 -1.05 -23.64
N TYR A 215 -7.18 -1.69 -23.04
CA TYR A 215 -8.17 -1.02 -22.15
C TYR A 215 -7.61 -0.97 -20.72
N VAL A 216 -6.55 -1.71 -20.46
CA VAL A 216 -5.99 -1.90 -19.08
C VAL A 216 -4.96 -0.80 -18.80
N ARG A 217 -5.10 -0.14 -17.65
CA ARG A 217 -4.07 0.81 -17.14
CA ARG A 217 -4.07 0.81 -17.14
C ARG A 217 -2.98 0.05 -16.35
N GLN A 218 -3.40 -0.95 -15.60
CA GLN A 218 -2.51 -1.65 -14.65
C GLN A 218 -3.22 -2.94 -14.27
N TYR A 219 -2.44 -3.90 -13.84
CA TYR A 219 -2.93 -5.15 -13.25
C TYR A 219 -2.72 -5.08 -11.73
N CYS A 220 -3.73 -5.55 -11.01
CA CYS A 220 -3.89 -5.24 -9.56
C CYS A 220 -4.02 -6.53 -8.76
N SER A 221 -3.18 -6.67 -7.75
CA SER A 221 -3.22 -7.73 -6.70
C SER A 221 -3.63 -7.14 -5.37
N HIS A 222 -4.34 -7.93 -4.58
CA HIS A 222 -4.50 -7.68 -3.14
C HIS A 222 -3.66 -8.66 -2.35
N ASN A 223 -3.12 -8.20 -1.23
CA ASN A 223 -2.28 -9.02 -0.35
C ASN A 223 -2.55 -8.63 1.10
N TYR A 224 -2.87 -9.66 1.89
CA TYR A 224 -2.98 -9.56 3.35
C TYR A 224 -2.27 -10.79 3.88
N PRO A 225 -1.07 -10.63 4.41
CA PRO A 225 -0.29 -11.81 4.80
C PRO A 225 -1.00 -12.71 5.80
N GLN A 226 -1.77 -12.13 6.72
CA GLN A 226 -2.34 -12.96 7.81
C GLN A 226 -3.85 -12.71 7.91
N SER A 227 -4.55 -13.56 8.67
CA SER A 227 -5.91 -13.31 9.16
C SER A 227 -5.89 -13.06 10.66
N LYS A 228 -7.06 -12.79 11.25
CA LYS A 228 -7.18 -12.83 12.72
C LYS A 228 -6.69 -14.18 13.26
N SER A 229 -6.92 -15.28 12.56
CA SER A 229 -6.64 -16.64 13.11
C SER A 229 -5.16 -17.03 12.95
N THR A 230 -4.44 -16.48 11.95
CA THR A 230 -3.00 -16.84 11.71
C THR A 230 -2.09 -15.72 12.22
N ALA A 231 -2.64 -14.77 12.95
CA ALA A 231 -1.89 -13.61 13.43
C ALA A 231 -0.69 -14.06 14.26
N ASN A 232 0.47 -13.58 13.85
CA ASN A 232 1.76 -13.79 14.55
C ASN A 232 2.65 -12.61 14.15
N LEU A 233 2.89 -11.69 15.07
CA LEU A 233 3.56 -10.43 14.72
C LEU A 233 5.02 -10.75 14.35
N ALA A 234 5.74 -11.62 15.10
CA ALA A 234 7.11 -11.93 14.74
C ALA A 234 7.17 -12.45 13.29
N ASN A 235 6.24 -13.30 12.92
CA ASN A 235 6.27 -13.92 11.56
C ASN A 235 5.97 -12.84 10.52
N LEU A 236 5.03 -11.97 10.82
CA LEU A 236 4.61 -10.90 9.88
C LEU A 236 5.85 -10.06 9.54
N MET A 237 6.56 -9.58 10.54
CA MET A 237 7.56 -8.52 10.36
C MET A 237 8.94 -9.10 10.01
N SER A 238 9.12 -10.41 10.12
CA SER A 238 10.39 -11.10 9.79
C SER A 238 10.86 -10.69 8.39
N HIS A 239 12.08 -10.23 8.28
CA HIS A 239 12.63 -9.79 6.96
C HIS A 239 12.59 -10.95 5.97
N SER A 240 13.14 -12.10 6.37
CA SER A 240 13.14 -13.31 5.50
C SER A 240 11.72 -13.82 5.32
N GLY A 241 10.86 -13.70 6.32
CA GLY A 241 9.45 -14.09 6.18
C GLY A 241 8.76 -13.30 5.10
N ILE A 242 9.03 -12.00 5.05
CA ILE A 242 8.36 -11.14 4.05
C ILE A 242 8.81 -11.58 2.67
N ALA A 243 10.10 -11.89 2.51
CA ALA A 243 10.63 -12.33 1.19
C ALA A 243 9.84 -13.56 0.74
N SER A 244 9.60 -14.50 1.65
CA SER A 244 8.82 -15.72 1.32
C SER A 244 7.37 -15.37 0.99
N GLN A 245 6.78 -14.44 1.74
CA GLN A 245 5.34 -14.14 1.66
C GLN A 245 4.99 -13.54 0.30
N ILE A 246 5.88 -12.69 -0.22
CA ILE A 246 5.54 -11.97 -1.47
C ILE A 246 5.87 -12.83 -2.70
N LYS A 247 6.64 -13.89 -2.52
CA LYS A 247 7.18 -14.64 -3.68
C LYS A 247 6.08 -15.09 -4.65
N PRO A 248 4.87 -15.54 -4.25
CA PRO A 248 3.83 -15.92 -5.21
C PRO A 248 3.45 -14.79 -6.19
N PHE A 249 3.63 -13.54 -5.78
CA PHE A 249 3.29 -12.40 -6.66
C PHE A 249 4.37 -12.14 -7.71
N ALA A 250 5.55 -12.72 -7.63
CA ALA A 250 6.62 -12.46 -8.64
C ALA A 250 6.07 -12.82 -10.04
N LYS A 251 5.33 -13.92 -10.15
CA LYS A 251 4.78 -14.38 -11.46
C LYS A 251 3.70 -13.41 -11.92
N GLU A 252 2.97 -12.78 -10.98
CA GLU A 252 1.92 -11.81 -11.28
C GLU A 252 2.53 -10.53 -11.84
N VAL A 253 3.57 -10.03 -11.18
CA VAL A 253 4.32 -8.86 -11.67
C VAL A 253 4.83 -9.16 -13.08
N ALA A 254 5.48 -10.32 -13.25
CA ALA A 254 6.09 -10.66 -14.56
C ALA A 254 4.99 -10.66 -15.63
N ALA A 255 3.80 -11.19 -15.33
CA ALA A 255 2.68 -11.29 -16.31
C ALA A 255 2.23 -9.90 -16.74
N ALA A 256 2.13 -8.97 -15.78
CA ALA A 256 1.69 -7.60 -16.06
C ALA A 256 2.76 -6.93 -16.93
N LEU A 257 4.02 -7.02 -16.52
CA LEU A 257 5.10 -6.27 -17.20
C LEU A 257 5.29 -6.83 -18.62
N ALA A 258 5.03 -8.10 -18.82
CA ALA A 258 5.08 -8.69 -20.20
C ALA A 258 4.03 -8.06 -21.09
N LYS A 259 2.98 -7.44 -20.54
CA LYS A 259 1.93 -6.75 -21.30
C LYS A 259 2.25 -5.25 -21.39
N ASN A 260 3.43 -4.82 -20.96
CA ASN A 260 3.82 -3.39 -20.84
C ASN A 260 2.79 -2.62 -20.03
N LYS A 261 2.36 -3.24 -18.91
CA LYS A 261 1.38 -2.62 -18.00
C LYS A 261 1.94 -2.78 -16.61
N PRO A 262 1.88 -1.75 -15.75
CA PRO A 262 2.38 -1.92 -14.40
C PRO A 262 1.53 -2.89 -13.55
N HIS A 263 2.19 -3.40 -12.49
CA HIS A 263 1.54 -4.15 -11.42
C HIS A 263 1.40 -3.19 -10.24
N VAL A 264 0.30 -3.28 -9.53
CA VAL A 264 0.16 -2.60 -8.21
C VAL A 264 -0.39 -3.60 -7.22
N PHE A 265 -0.08 -3.36 -5.95
CA PHE A 265 -0.86 -3.97 -4.85
C PHE A 265 -1.92 -2.94 -4.51
N GLY A 266 -3.08 -3.02 -5.13
CA GLY A 266 -4.10 -1.98 -5.07
C GLY A 266 -4.89 -1.98 -3.78
N GLU A 267 -4.70 -3.00 -2.95
CA GLU A 267 -5.26 -3.02 -1.59
C GLU A 267 -4.44 -4.00 -0.81
N THR A 268 -3.85 -3.55 0.29
CA THR A 268 -2.96 -4.41 1.08
C THR A 268 -2.92 -3.94 2.52
N ASN A 269 -2.83 -4.88 3.44
CA ASN A 269 -2.53 -4.48 4.84
C ASN A 269 -2.20 -5.75 5.61
N SER A 270 -1.91 -5.60 6.92
CA SER A 270 -1.26 -6.68 7.69
C SER A 270 -2.16 -7.93 7.76
N ALA A 271 -3.44 -7.75 8.07
CA ALA A 271 -4.32 -8.88 8.33
C ALA A 271 -5.76 -8.54 8.07
N THR A 272 -6.54 -9.53 7.68
CA THR A 272 -7.94 -9.38 7.35
C THR A 272 -8.90 -9.24 8.52
N GLN A 273 -10.14 -8.99 8.12
CA GLN A 273 -11.39 -8.60 8.84
C GLN A 273 -11.16 -7.27 9.57
N GLY A 274 -10.27 -6.41 9.02
CA GLY A 274 -10.01 -5.09 9.55
C GLY A 274 -8.73 -5.09 10.37
N GLY A 275 -8.12 -6.27 10.49
CA GLY A 275 -6.89 -6.46 11.26
C GLY A 275 -7.14 -7.20 12.60
N GLY A 276 -6.08 -7.79 13.16
CA GLY A 276 -6.14 -8.45 14.46
C GLY A 276 -5.40 -7.68 15.55
N GLY A 277 -5.16 -8.33 16.72
CA GLY A 277 -4.43 -7.68 17.81
C GLY A 277 -3.05 -7.22 17.37
N ILE A 278 -2.50 -7.77 16.28
CA ILE A 278 -1.14 -7.40 15.83
C ILE A 278 -1.20 -6.15 14.95
N SER A 279 -2.37 -5.82 14.41
CA SER A 279 -2.36 -4.82 13.30
C SER A 279 -2.03 -3.41 13.78
N PRO A 280 -2.37 -2.96 15.03
CA PRO A 280 -2.07 -1.58 15.45
C PRO A 280 -0.66 -1.41 15.98
N THR A 281 0.16 -2.46 15.96
CA THR A 281 1.48 -2.45 16.62
C THR A 281 2.54 -1.76 15.78
N TYR A 282 3.55 -1.32 16.47
CA TYR A 282 4.82 -0.85 15.91
C TYR A 282 5.39 -1.90 14.93
N GLY A 283 5.38 -3.20 15.31
CA GLY A 283 5.91 -4.24 14.44
C GLY A 283 5.16 -4.31 13.13
N ALA A 284 3.88 -4.00 13.11
CA ALA A 284 3.11 -4.02 11.84
C ALA A 284 3.59 -2.83 11.00
N GLY A 285 4.01 -1.73 11.61
CA GLY A 285 4.60 -0.62 10.82
C GLY A 285 5.96 -1.02 10.28
N LEU A 286 6.75 -1.81 11.02
CA LEU A 286 8.05 -2.31 10.48
C LEU A 286 7.79 -3.30 9.35
N TRP A 287 6.78 -4.15 9.48
CA TRP A 287 6.37 -5.03 8.35
C TRP A 287 6.14 -4.14 7.14
N LEU A 288 5.32 -3.12 7.32
CA LEU A 288 4.90 -2.26 6.19
C LEU A 288 6.16 -1.70 5.53
N LEU A 289 7.06 -1.14 6.30
CA LEU A 289 8.30 -0.55 5.78
C LEU A 289 9.07 -1.54 4.92
N ASP A 290 9.35 -2.74 5.45
CA ASP A 290 10.20 -3.71 4.76
C ASP A 290 9.46 -4.33 3.56
N TYR A 291 8.18 -4.59 3.73
CA TYR A 291 7.31 -5.10 2.65
C TYR A 291 7.33 -4.17 1.45
N VAL A 292 7.20 -2.88 1.73
CA VAL A 292 7.24 -1.89 0.62
C VAL A 292 8.55 -2.03 -0.17
N MET A 293 9.67 -2.07 0.52
CA MET A 293 10.97 -2.14 -0.18
C MET A 293 11.04 -3.42 -1.01
N GLN A 294 10.66 -4.55 -0.40
CA GLN A 294 10.79 -5.83 -1.13
C GLN A 294 9.81 -5.88 -2.31
N ALA A 295 8.61 -5.36 -2.16
CA ALA A 295 7.60 -5.41 -3.23
C ALA A 295 8.08 -4.53 -4.38
N LEU A 296 8.67 -3.37 -4.11
CA LEU A 296 9.14 -2.49 -5.21
C LEU A 296 10.30 -3.16 -5.95
N ILE A 297 11.25 -3.78 -5.25
CA ILE A 297 12.34 -4.50 -5.94
C ILE A 297 11.77 -5.63 -6.80
N MET A 298 10.76 -6.34 -6.30
CA MET A 298 10.12 -7.44 -7.06
C MET A 298 9.56 -6.88 -8.37
N GLY A 299 9.06 -5.63 -8.36
CA GLY A 299 8.62 -4.91 -9.57
C GLY A 299 7.25 -4.29 -9.50
N THR A 300 6.59 -4.33 -8.36
CA THR A 300 5.33 -3.61 -8.26
C THR A 300 5.61 -2.11 -8.33
N GLU A 301 4.65 -1.35 -8.81
CA GLU A 301 4.82 0.07 -8.95
C GLU A 301 4.40 0.88 -7.72
N THR A 302 3.31 0.46 -7.13
CA THR A 302 2.71 1.17 -6.02
C THR A 302 1.98 0.21 -5.08
N LEU A 303 2.00 0.49 -3.80
CA LEU A 303 1.21 -0.26 -2.79
C LEU A 303 0.22 0.69 -2.14
N TYR A 304 -1.01 0.26 -2.01
CA TYR A 304 -2.12 1.05 -1.44
C TYR A 304 -2.62 0.35 -0.17
N PHE A 305 -2.31 0.94 0.97
CA PHE A 305 -2.60 0.31 2.28
C PHE A 305 -4.02 0.65 2.71
N HIS A 306 -4.79 -0.39 3.03
CA HIS A 306 -6.24 -0.25 3.22
C HIS A 306 -6.58 0.39 4.56
N HIS A 307 -7.60 1.23 4.52
CA HIS A 307 -8.21 1.95 5.67
C HIS A 307 -9.68 1.62 5.67
N GLY A 308 -10.13 0.93 6.72
CA GLY A 308 -11.50 0.38 6.75
C GLY A 308 -12.44 1.25 7.55
N THR A 309 -13.46 0.62 8.11
CA THR A 309 -14.54 1.32 8.83
C THR A 309 -14.00 2.23 9.91
N ILE A 310 -14.41 3.50 9.88
CA ILE A 310 -13.92 4.50 10.84
C ILE A 310 -14.42 4.15 12.24
N GLY A 311 -13.48 3.99 13.16
CA GLY A 311 -13.77 3.57 14.54
C GLY A 311 -13.80 2.07 14.70
N ASN A 312 -13.59 1.28 13.63
CA ASN A 312 -13.50 -0.20 13.76
C ASN A 312 -12.46 -0.70 12.74
N CYS A 313 -11.24 -0.27 12.91
CA CYS A 313 -10.16 -0.53 11.94
C CYS A 313 -8.82 -0.69 12.65
N GLN A 314 -8.32 -1.93 12.73
CA GLN A 314 -7.10 -2.20 13.49
C GLN A 314 -5.84 -1.87 12.69
N TYR A 315 -5.88 -1.87 11.33
CA TYR A 315 -4.67 -1.65 10.52
C TYR A 315 -4.58 -0.23 9.99
N CYS A 316 -5.51 0.63 10.37
CA CYS A 316 -5.53 2.06 9.96
C CYS A 316 -4.34 2.82 10.53
N TRP A 317 -3.79 3.74 9.74
CA TRP A 317 -2.67 4.59 10.18
C TRP A 317 -3.15 5.68 11.14
N TRP A 318 -4.41 6.05 11.02
CA TRP A 318 -5.03 7.06 11.89
C TRP A 318 -6.51 6.76 11.98
N GLY A 319 -7.13 7.35 13.00
CA GLY A 319 -8.58 7.43 13.13
C GLY A 319 -9.01 8.85 13.49
N LYS A 320 -10.26 8.99 13.88
CA LYS A 320 -10.81 10.30 14.30
C LYS A 320 -10.04 10.82 15.51
N TYR A 321 -9.64 9.92 16.41
CA TYR A 321 -9.17 10.31 17.77
C TYR A 321 -7.71 9.95 17.98
N SER A 322 -7.18 8.87 17.40
CA SER A 322 -5.79 8.44 17.67
C SER A 322 -5.03 8.21 16.37
N MET A 323 -3.74 8.38 16.47
CA MET A 323 -2.79 7.87 15.46
C MET A 323 -2.56 6.37 15.70
N GLY A 324 -2.11 5.68 14.65
CA GLY A 324 -1.71 4.27 14.74
C GLY A 324 -0.23 4.08 14.52
N SER A 325 0.42 3.22 15.29
CA SER A 325 1.85 2.88 15.10
C SER A 325 2.16 2.61 13.63
N PRO A 326 1.33 1.92 12.84
CA PRO A 326 1.76 1.62 11.48
C PRO A 326 2.04 2.86 10.61
N TYR A 327 1.45 3.98 10.97
CA TYR A 327 1.74 5.21 10.21
C TYR A 327 3.25 5.50 10.19
N PHE A 328 3.98 5.13 11.23
CA PHE A 328 5.44 5.36 11.35
C PHE A 328 6.18 4.57 10.26
N GLY A 329 5.71 3.37 9.93
CA GLY A 329 6.31 2.60 8.83
C GLY A 329 6.07 3.28 7.48
N ALA A 330 4.87 3.79 7.27
CA ALA A 330 4.53 4.45 6.00
C ALA A 330 5.35 5.74 5.89
N TYR A 331 5.46 6.47 6.99
CA TYR A 331 6.21 7.72 7.02
C TYR A 331 7.69 7.46 6.76
N PHE A 332 8.26 6.46 7.42
CA PHE A 332 9.68 6.15 7.24
C PHE A 332 9.92 5.63 5.82
N ALA A 333 9.01 4.82 5.27
CA ALA A 333 9.21 4.28 3.92
C ALA A 333 9.19 5.45 2.95
N THR A 334 8.26 6.36 3.15
CA THR A 334 8.13 7.53 2.23
C THR A 334 9.41 8.38 2.32
N MET A 335 9.94 8.58 3.53
CA MET A 335 11.21 9.29 3.77
CA MET A 335 11.21 9.29 3.77
C MET A 335 12.34 8.58 3.02
N ALA A 336 12.43 7.26 3.16
CA ALA A 336 13.51 6.48 2.55
C ALA A 336 13.52 6.64 1.03
N LEU A 337 12.35 6.63 0.43
CA LEU A 337 12.22 6.58 -1.05
C LEU A 337 12.14 7.96 -1.66
N ALA A 338 11.94 9.01 -0.85
CA ALA A 338 11.70 10.37 -1.38
C ALA A 338 12.75 10.75 -2.42
N GLY A 339 12.28 11.01 -3.63
CA GLY A 339 13.11 11.49 -4.74
C GLY A 339 14.07 10.46 -5.28
N ALA A 340 14.00 9.20 -4.83
CA ALA A 340 14.93 8.15 -5.24
C ALA A 340 14.49 7.55 -6.58
N ASN A 341 15.47 7.16 -7.39
CA ASN A 341 15.18 6.47 -8.68
C ASN A 341 15.16 4.96 -8.51
N LYS A 342 16.02 4.41 -7.65
CA LYS A 342 16.14 2.95 -7.54
C LYS A 342 16.53 2.56 -6.13
N ILE A 343 16.19 1.34 -5.77
CA ILE A 343 16.60 0.70 -4.50
C ILE A 343 17.11 -0.69 -4.77
N ALA A 344 18.12 -1.12 -4.05
CA ALA A 344 18.79 -2.41 -4.24
C ALA A 344 18.95 -3.10 -2.90
N PRO A 345 18.67 -4.41 -2.83
CA PRO A 345 18.89 -5.18 -1.61
C PRO A 345 20.39 -5.53 -1.46
N LEU A 346 20.99 -5.17 -0.35
CA LEU A 346 22.41 -5.50 -0.12
C LEU A 346 22.54 -6.84 0.59
N ASP A 347 21.57 -7.20 1.43
CA ASP A 347 21.53 -8.54 2.05
C ASP A 347 20.89 -9.56 1.11
N ASP A 348 20.96 -10.83 1.49
CA ASP A 348 20.44 -11.94 0.64
C ASP A 348 19.05 -12.40 1.10
N GLN A 349 18.43 -11.72 2.07
CA GLN A 349 17.03 -11.99 2.51
C GLN A 349 16.82 -13.37 3.16
N THR A 350 17.88 -13.94 3.71
CA THR A 350 17.82 -15.23 4.42
C THR A 350 17.81 -15.01 5.93
N THR A 351 17.96 -13.77 6.41
CA THR A 351 18.04 -13.51 7.87
C THR A 351 17.04 -12.42 8.28
N GLY A 352 17.06 -12.05 9.56
CA GLY A 352 16.20 -11.00 10.09
C GLY A 352 16.74 -9.62 9.80
N TYR A 353 17.89 -9.48 9.17
CA TYR A 353 18.61 -8.18 9.06
C TYR A 353 18.62 -7.75 7.58
N ALA A 354 18.17 -6.54 7.31
CA ALA A 354 18.07 -5.99 5.94
C ALA A 354 18.94 -4.76 5.76
N ALA A 355 19.51 -4.61 4.58
CA ALA A 355 20.21 -3.36 4.19
C ALA A 355 19.85 -3.06 2.75
N TYR A 356 19.41 -1.86 2.46
CA TYR A 356 19.03 -1.45 1.09
C TYR A 356 19.85 -0.23 0.71
N ALA A 357 20.44 -0.22 -0.47
CA ALA A 357 21.03 1.03 -1.02
C ALA A 357 20.01 1.74 -1.88
N ILE A 358 19.94 3.04 -1.73
CA ILE A 358 18.92 3.89 -2.36
C ILE A 358 19.65 4.90 -3.23
N TYR A 359 19.31 4.92 -4.50
CA TYR A 359 19.99 5.67 -5.59
C TYR A 359 19.12 6.81 -6.08
N LYS A 360 19.80 7.91 -6.41
CA LYS A 360 19.18 9.00 -7.18
C LYS A 360 20.18 9.38 -8.30
N ASP A 361 19.71 9.45 -9.53
CA ASP A 361 20.60 9.73 -10.69
C ASP A 361 21.75 8.72 -10.67
N ASP A 362 21.47 7.44 -10.34
CA ASP A 362 22.44 6.31 -10.39
C ASP A 362 23.59 6.50 -9.39
N LYS A 363 23.41 7.34 -8.39
CA LYS A 363 24.40 7.49 -7.28
C LYS A 363 23.73 7.17 -5.94
N PRO A 364 24.46 6.52 -5.02
CA PRO A 364 23.86 6.14 -3.74
C PRO A 364 23.68 7.37 -2.88
N ILE A 365 22.45 7.61 -2.42
CA ILE A 365 22.13 8.75 -1.54
C ILE A 365 21.80 8.32 -0.12
N ARG A 366 21.22 7.13 0.06
CA ARG A 366 20.80 6.72 1.41
C ARG A 366 21.00 5.22 1.52
N VAL A 367 21.02 4.73 2.76
CA VAL A 367 21.01 3.28 3.04
C VAL A 367 19.96 3.07 4.11
N LEU A 368 19.06 2.14 3.87
CA LEU A 368 18.01 1.82 4.88
C LEU A 368 18.43 0.49 5.52
N LEU A 369 18.53 0.48 6.84
CA LEU A 369 18.86 -0.72 7.63
C LEU A 369 17.65 -1.09 8.48
N TYR A 370 17.45 -2.38 8.65
CA TYR A 370 16.28 -2.91 9.39
C TYR A 370 16.68 -4.14 10.19
N ASN A 371 16.34 -4.09 11.48
CA ASN A 371 16.47 -5.25 12.40
C ASN A 371 15.07 -5.72 12.76
N SER A 372 14.61 -6.82 12.16
CA SER A 372 13.25 -7.35 12.24
C SER A 372 13.05 -8.29 13.45
N ASP A 373 14.05 -8.45 14.30
CA ASP A 373 13.93 -9.37 15.46
C ASP A 373 12.80 -8.92 16.35
N TYR A 374 11.94 -9.85 16.75
CA TYR A 374 10.78 -9.61 17.62
C TYR A 374 11.24 -9.43 19.06
N TYR A 375 10.71 -8.42 19.72
CA TYR A 375 11.17 -8.03 21.07
C TYR A 375 9.99 -7.54 21.90
N THR A 376 9.74 -8.18 23.05
CA THR A 376 8.71 -7.70 24.00
C THR A 376 9.25 -7.58 25.43
N SER A 377 10.23 -8.37 25.84
CA SER A 377 10.60 -8.31 27.29
C SER A 377 12.01 -8.74 27.49
N GLY A 378 12.58 -8.33 28.62
CA GLY A 378 13.96 -8.69 28.92
C GLY A 378 14.94 -7.79 28.24
N SER A 379 16.19 -8.19 28.22
CA SER A 379 17.29 -7.46 27.59
C SER A 379 17.01 -7.42 26.08
N ARG A 380 17.04 -6.24 25.51
CA ARG A 380 16.79 -6.09 24.07
C ARG A 380 18.08 -6.37 23.33
N PRO A 381 18.09 -7.36 22.40
CA PRO A 381 19.28 -7.66 21.63
C PRO A 381 19.56 -6.56 20.59
N SER A 382 20.77 -6.52 20.06
CA SER A 382 21.13 -5.56 19.00
C SER A 382 22.07 -6.24 17.99
N GLN A 383 22.15 -5.65 16.81
CA GLN A 383 23.01 -6.14 15.72
C GLN A 383 23.75 -4.94 15.16
N THR A 384 25.04 -5.10 14.93
CA THR A 384 25.84 -4.06 14.31
C THR A 384 25.83 -4.31 12.81
N PHE A 385 25.77 -3.24 12.07
CA PHE A 385 25.82 -3.24 10.59
C PHE A 385 27.00 -2.38 10.17
N THR A 386 27.89 -2.92 9.34
CA THR A 386 29.04 -2.16 8.79
C THR A 386 28.77 -1.88 7.34
N LEU A 387 28.86 -0.63 6.93
CA LEU A 387 28.75 -0.26 5.51
C LEU A 387 30.14 0.05 4.99
N THR A 388 30.48 -0.46 3.81
CA THR A 388 31.78 -0.20 3.15
C THR A 388 31.53 0.49 1.81
N GLY A 389 32.56 1.14 1.30
CA GLY A 389 32.47 1.83 0.05
C GLY A 389 31.98 3.24 0.10
N LEU A 390 31.96 3.82 1.28
CA LEU A 390 31.49 5.18 1.46
C LEU A 390 32.63 6.22 1.40
N SER A 391 32.27 7.47 1.45
CA SER A 391 33.17 8.61 1.41
C SER A 391 33.16 9.48 2.67
N GLY A 392 33.98 10.50 2.70
CA GLY A 392 34.03 11.41 3.80
C GLY A 392 34.62 10.91 5.09
N SER A 393 34.38 11.70 6.10
CA SER A 393 34.84 11.35 7.42
C SER A 393 33.63 11.11 8.37
N THR A 394 32.42 11.33 7.88
CA THR A 394 31.17 11.20 8.67
C THR A 394 29.88 11.12 7.78
N VAL A 395 28.78 10.50 8.29
CA VAL A 395 27.46 10.40 7.63
C VAL A 395 26.33 10.73 8.68
N SER A 396 25.08 10.94 8.28
CA SER A 396 24.02 11.17 9.25
C SER A 396 22.94 10.09 9.22
N ALA A 397 22.17 9.95 10.29
CA ALA A 397 21.14 8.90 10.29
C ALA A 397 19.93 9.33 11.10
N LYS A 398 18.77 8.81 10.73
CA LYS A 398 17.51 9.01 11.47
C LYS A 398 17.01 7.62 11.86
N ARG A 399 16.55 7.47 13.08
CA ARG A 399 16.20 6.16 13.63
C ARG A 399 14.70 6.08 13.87
N LEU A 400 14.13 4.93 13.53
CA LEU A 400 12.77 4.55 13.85
C LEU A 400 12.86 3.52 14.97
N THR A 401 12.20 3.82 16.09
CA THR A 401 12.27 2.93 17.28
C THR A 401 10.97 3.03 18.06
N ALA A 402 10.79 2.08 18.97
CA ALA A 402 9.68 2.08 19.95
C ALA A 402 10.16 1.15 21.08
N ALA A 403 9.40 1.12 22.16
CA ALA A 403 9.75 0.35 23.38
C ALA A 403 9.72 -1.16 23.07
N ALA A 404 8.86 -1.62 22.17
CA ALA A 404 8.66 -3.06 21.92
C ALA A 404 8.04 -3.27 20.53
N SER A 405 8.18 -4.50 20.03
CA SER A 405 7.46 -4.84 18.79
C SER A 405 5.96 -4.57 18.90
N THR A 406 5.37 -4.71 20.10
CA THR A 406 3.92 -4.63 20.33
C THR A 406 3.47 -3.20 20.61
N SER A 407 4.38 -2.22 20.62
CA SER A 407 4.05 -0.85 21.05
C SER A 407 2.91 -0.23 20.26
N ARG A 408 1.88 0.24 20.97
CA ARG A 408 0.75 0.90 20.36
C ARG A 408 0.64 2.36 20.80
N VAL A 409 0.36 3.23 19.84
CA VAL A 409 0.17 4.65 20.09
C VAL A 409 -1.02 4.86 20.99
N ASP A 410 -2.10 4.11 20.77
CA ASP A 410 -3.32 4.23 21.56
C ASP A 410 -3.22 3.71 22.98
N ALA A 411 -2.19 2.96 23.30
CA ALA A 411 -1.91 2.57 24.62
C ALA A 411 -0.90 3.53 25.27
N GLY A 412 -0.43 4.54 24.56
CA GLY A 412 0.53 5.48 25.05
C GLY A 412 2.01 5.19 24.77
N GLN A 413 2.33 4.09 24.05
CA GLN A 413 3.71 3.68 23.69
C GLN A 413 3.98 4.03 22.17
N SER A 414 3.82 5.26 21.76
CA SER A 414 4.10 5.61 20.37
C SER A 414 5.50 5.33 19.99
N PRO A 415 5.69 4.91 18.74
CA PRO A 415 7.05 4.88 18.18
C PRO A 415 7.53 6.34 17.93
N THR A 416 8.81 6.48 17.69
CA THR A 416 9.39 7.79 17.31
C THR A 416 10.15 7.67 15.99
N VAL A 417 10.03 8.71 15.17
CA VAL A 417 10.84 8.83 13.93
C VAL A 417 11.79 10.00 14.19
N ALA A 418 13.03 9.71 14.41
CA ALA A 418 14.07 10.69 14.78
C ALA A 418 13.55 11.52 15.97
N GLY A 419 12.92 10.86 16.94
CA GLY A 419 12.37 11.47 18.17
C GLY A 419 10.99 12.10 18.01
N GLN A 420 10.46 12.24 16.80
CA GLN A 420 9.16 12.91 16.55
C GLN A 420 8.01 11.92 16.54
N THR A 421 6.83 12.44 16.85
CA THR A 421 5.54 11.71 16.86
C THR A 421 4.50 12.56 16.15
N PHE A 422 3.29 12.04 16.10
CA PHE A 422 2.17 12.70 15.39
C PHE A 422 1.03 12.87 16.37
N GLU A 423 0.41 14.06 16.34
CA GLU A 423 -0.60 14.40 17.35
C GLU A 423 -1.87 13.55 17.17
N ASN A 424 -2.34 12.94 18.23
CA ASN A 424 -3.67 12.26 18.25
C ASN A 424 -4.76 13.25 17.88
N GLY A 425 -5.60 12.87 16.94
CA GLY A 425 -6.73 13.67 16.45
C GLY A 425 -6.39 14.65 15.34
N SER A 426 -5.13 14.91 15.03
CA SER A 426 -4.77 15.87 13.96
C SER A 426 -3.69 15.37 13.00
N CYS A 427 -2.77 14.50 13.44
CA CYS A 427 -1.66 13.97 12.63
C CYS A 427 -0.56 15.02 12.47
N LYS A 428 -0.61 16.13 13.24
CA LYS A 428 0.43 17.14 13.18
C LYS A 428 1.73 16.58 13.73
N ILE A 429 2.85 16.86 13.08
CA ILE A 429 4.16 16.39 13.58
C ILE A 429 4.49 17.12 14.88
N GLN A 430 5.06 16.36 15.80
CA GLN A 430 5.31 16.84 17.18
C GLN A 430 6.74 16.46 17.56
N GLY A 431 7.34 17.26 18.42
CA GLY A 431 8.66 16.97 18.97
C GLY A 431 9.81 17.57 18.18
N GLN A 432 10.98 17.53 18.83
CA GLN A 432 12.29 17.95 18.32
C GLN A 432 12.84 16.80 17.48
N SER A 433 13.28 17.03 16.25
CA SER A 433 13.97 16.00 15.46
C SER A 433 15.38 15.83 16.02
N THR A 434 15.87 14.60 16.14
CA THR A 434 17.26 14.32 16.52
C THR A 434 17.89 13.49 15.41
N VAL A 435 19.06 13.89 14.95
CA VAL A 435 19.81 13.21 13.87
C VAL A 435 21.06 12.62 14.50
N GLU A 436 21.42 11.42 14.11
CA GLU A 436 22.64 10.76 14.64
C GLU A 436 23.75 10.98 13.62
N SER A 437 24.99 10.90 14.06
CA SER A 437 26.14 10.91 13.11
C SER A 437 27.07 9.74 13.44
N ALA A 438 27.79 9.25 12.43
CA ALA A 438 28.72 8.12 12.55
C ALA A 438 30.01 8.54 11.85
N THR A 439 31.15 8.00 12.29
CA THR A 439 32.47 8.25 11.65
C THR A 439 32.50 7.43 10.37
N VAL A 440 33.13 7.94 9.31
CA VAL A 440 33.56 7.12 8.15
C VAL A 440 35.07 7.11 8.19
N SER A 441 35.71 5.96 8.35
CA SER A 441 37.19 5.83 8.19
C SER A 441 37.46 4.70 7.21
N GLY A 442 38.28 4.99 6.20
CA GLY A 442 38.63 4.04 5.12
C GLY A 442 37.37 3.55 4.41
N GLY A 443 36.42 4.48 4.23
CA GLY A 443 35.13 4.25 3.58
C GLY A 443 34.21 3.32 4.37
N LYS A 444 34.43 3.11 5.66
CA LYS A 444 33.54 2.23 6.45
C LYS A 444 32.89 3.01 7.58
N ALA A 445 31.65 2.68 7.87
CA ALA A 445 30.94 3.18 9.07
C ALA A 445 30.15 2.04 9.68
N THR A 446 30.00 2.05 11.00
CA THR A 446 29.26 1.01 11.71
C THR A 446 28.06 1.64 12.43
N PHE A 447 26.96 0.91 12.41
CA PHE A 447 25.70 1.32 13.04
C PHE A 447 25.23 0.17 13.91
N THR A 448 24.45 0.48 14.92
CA THR A 448 23.88 -0.53 15.83
C THR A 448 22.37 -0.35 15.81
N LEU A 449 21.63 -1.41 15.49
CA LEU A 449 20.16 -1.39 15.53
C LEU A 449 19.71 -2.42 16.57
N GLN A 450 18.90 -1.97 17.51
CA GLN A 450 18.28 -2.91 18.44
C GLN A 450 17.27 -3.75 17.66
N ALA A 451 16.87 -4.84 18.26
CA ALA A 451 15.73 -5.64 17.79
C ALA A 451 14.54 -4.71 17.54
N SER A 452 13.87 -4.86 16.40
CA SER A 452 12.70 -4.02 16.06
C SER A 452 13.07 -2.53 15.97
N GLU A 453 13.99 -2.22 15.06
CA GLU A 453 14.40 -0.81 14.74
C GLU A 453 14.70 -0.73 13.25
N ALA A 454 14.67 0.48 12.74
CA ALA A 454 15.15 0.78 11.39
C ALA A 454 15.96 2.08 11.43
N LEU A 455 16.92 2.18 10.53
CA LEU A 455 17.84 3.33 10.53
C LEU A 455 18.00 3.78 9.07
N LEU A 456 17.80 5.06 8.79
CA LEU A 456 17.96 5.62 7.44
C LEU A 456 19.23 6.45 7.47
N VAL A 457 20.25 5.97 6.80
CA VAL A 457 21.57 6.64 6.74
C VAL A 457 21.62 7.54 5.51
N THR A 458 21.89 8.84 5.68
CA THR A 458 21.99 9.78 4.56
C THR A 458 23.48 9.92 4.20
N LEU A 459 23.82 9.69 2.94
CA LEU A 459 25.23 9.71 2.49
C LEU A 459 25.61 11.13 2.04
C1 BDP B . -10.30 -7.12 1.89
C2 BDP B . -11.55 -6.37 1.33
C3 BDP B . -11.88 -5.27 2.31
C4 BDP B . -11.89 -5.84 3.74
C5 BDP B . -10.51 -6.45 4.09
C6 BDP B . -10.34 -6.95 5.47
O2 BDP B . -11.43 -5.84 -0.02
O3 BDP B . -13.12 -4.65 1.98
O4 BDP B . -12.17 -4.82 4.73
O5 BDP B . -10.41 -7.58 3.21
O6A BDP B . -9.81 -6.29 6.39
O1 BDP B . -10.06 -8.33 1.23
O6B BDP B . -10.85 -8.10 5.78
C1 RAM B . -12.99 -5.26 5.80
C2 RAM B . -12.67 -4.46 7.03
C3 RAM B . -13.25 -3.03 6.85
C4 RAM B . -14.70 -3.04 6.40
C5 RAM B . -14.83 -3.88 5.16
C6 RAM B . -16.25 -3.97 4.67
O2 RAM B . -13.39 -5.06 8.07
O3 RAM B . -13.09 -2.27 8.05
O4 RAM B . -15.11 -1.66 6.10
O5 RAM B . -14.38 -5.22 5.40
C1 GCU C . -9.60 5.74 20.79
C2 GCU C . -9.06 4.36 20.81
C3 GCU C . -8.09 4.08 19.64
C4 GCU C . -8.72 4.54 18.33
C5 GCU C . -9.23 5.97 18.46
C6 GCU C . -9.89 6.37 17.16
O1 GCU C . -8.53 6.62 21.06
O2 GCU C . -8.36 4.05 22.04
O3 GCU C . -7.82 2.67 19.59
O4 GCU C . -7.72 4.46 17.24
O5 GCU C . -10.21 6.03 19.55
O6A GCU C . -9.27 7.16 16.42
O6B GCU C . -11.04 5.92 16.83
C1 RAM C . -8.21 3.76 16.13
C2 RAM C . -7.34 4.33 15.01
C3 RAM C . -5.91 3.82 15.11
C4 RAM C . -5.83 2.34 15.34
C5 RAM C . -6.80 1.94 16.45
C6 RAM C . -6.84 0.45 16.66
O2 RAM C . -7.93 3.96 13.79
O3 RAM C . -5.10 4.24 13.95
O4 RAM C . -4.49 1.96 15.65
O5 RAM C . -8.13 2.36 16.19
C1 NAG D . 21.75 -8.55 -4.62
C2 NAG D . 21.66 -9.68 -3.65
C3 NAG D . 22.80 -9.65 -2.65
C4 NAG D . 24.14 -9.54 -3.40
C5 NAG D . 24.10 -8.38 -4.36
C6 NAG D . 25.41 -8.30 -5.17
C7 NAG D . 19.32 -10.31 -3.31
C8 NAG D . 18.16 -10.37 -2.35
N2 NAG D . 20.40 -9.66 -2.93
O3 NAG D . 22.76 -10.80 -1.85
O4 NAG D . 25.23 -9.49 -2.47
O5 NAG D . 23.00 -8.51 -5.27
O6 NAG D . 25.42 -7.17 -6.06
O7 NAG D . 19.23 -10.87 -4.43
C1 NAG E . -21.74 0.27 -23.85
C2 NAG E . -21.35 -0.75 -24.91
C3 NAG E . -22.52 -1.65 -25.23
C4 NAG E . -23.08 -2.23 -23.93
C5 NAG E . -23.45 -1.12 -22.93
C6 NAG E . -23.85 -1.67 -21.55
C7 NAG E . -19.75 0.03 -26.55
C8 NAG E . -19.58 0.93 -27.75
N2 NAG E . -20.97 -0.01 -26.09
O3 NAG E . -22.04 -2.68 -26.10
O4 NAG E . -24.27 -3.02 -24.19
O5 NAG E . -22.31 -0.30 -22.69
O6 NAG E . -24.62 -0.68 -20.91
O7 NAG E . -18.86 -0.61 -26.01
C1 MAN F . 26.58 0.83 17.28
C2 MAN F . 27.98 1.15 16.73
C3 MAN F . 28.84 0.00 17.26
C4 MAN F . 28.73 -0.19 18.80
C5 MAN F . 27.26 -0.10 19.34
C6 MAN F . 27.09 0.11 20.85
O2 MAN F . 28.43 2.45 17.21
O3 MAN F . 30.20 0.08 16.83
O4 MAN F . 29.31 -1.49 19.05
O5 MAN F . 26.65 1.04 18.72
O6 MAN F . 25.93 -0.60 21.35
#